data_1FQ1
#
_entry.id   1FQ1
#
_cell.length_a   134.450
_cell.length_b   134.450
_cell.length_c   65.800
_cell.angle_alpha   90.00
_cell.angle_beta   90.00
_cell.angle_gamma   120.00
#
_symmetry.space_group_name_H-M   'P 32 2 1'
#
loop_
_entity.id
_entity.type
_entity.pdbx_description
1 polymer 'CYCLIN-DEPENDENT KINASE INHIBITOR 3'
2 polymer 'CELL DIVISION PROTEIN KINASE 2'
3 non-polymer 'MAGNESIUM ION'
4 non-polymer "ADENOSINE-5'-TRIPHOSPHATE"
#
loop_
_entity_poly.entity_id
_entity_poly.type
_entity_poly.pdbx_seq_one_letter_code
_entity_poly.pdbx_strand_id
1 'polypeptide(L)'
;MKPPSSIQTSEFDSSDEEPIEDEQTPIHISWLSLSRVNCSQFLGLCALPGCKFKDVRRNVQKDTEELKSCGIQDIFVFCT
RGELSKYRVPNLLDLYQQCGIITHHHPIADGGTPDIASCCEIMEELTTCLKNYRKTLIHSYGGLGRSCLVAACLLLYLSD
TISPEQAIDSLRDLRGSGAIQTIKQYNYLHEFRDKLAAHLSSRDSQSRSVSR
;
A
2 'polypeptide(L)'
;MENFQKVEKIGEGTYGVVYKARNKLTGEVVALKKIRLDTETEGVPSTAIREISLLKELNHPNIVKLLDVIHTENKLYLVF
EFLHQDLKKFMDASALTGIPLPLIKSYLFQLLQGLAFCHSHRVLHRDLKPQNLLINTEGAIKLADFGLARAFGVPVRTY
(TPO)HEVVTLWYRAPEILLGCKYYSTAVDIWSLGCIFAEMVTRRALFPGDSEIDQLFRIFRTLGTPDEVVWPGVTSMPD
YKPSFPKWARQDFSKVVPPLDEDGRSLLSQMLHYDPNKRISAKAALAHPFFQDVTKPVPHLRL
;
B
#
# COMPACT_ATOMS: atom_id res chain seq x y z
N GLU A 21 23.13 4.03 8.23
CA GLU A 21 21.64 4.10 8.13
C GLU A 21 20.96 4.36 9.51
N ASP A 22 19.65 4.61 9.45
CA ASP A 22 18.73 4.86 10.57
C ASP A 22 19.11 5.56 11.89
N GLU A 23 18.16 5.44 12.83
CA GLU A 23 18.11 5.95 14.22
C GLU A 23 19.10 6.93 14.87
N GLN A 24 20.40 6.81 14.58
CA GLN A 24 21.41 7.73 15.13
C GLN A 24 21.85 8.80 14.12
N THR A 25 21.08 8.93 13.04
CA THR A 25 21.30 9.96 12.02
C THR A 25 20.42 11.08 12.55
N PRO A 26 20.94 12.29 12.62
CA PRO A 26 20.09 13.39 13.13
C PRO A 26 18.70 13.43 12.46
N ILE A 27 17.70 13.82 13.24
CA ILE A 27 16.30 13.95 12.83
C ILE A 27 16.11 14.94 11.71
N HIS A 28 15.71 14.49 10.53
CA HIS A 28 15.50 15.43 9.43
C HIS A 28 14.25 16.37 9.54
N ILE A 29 14.34 17.52 8.87
CA ILE A 29 13.24 18.45 8.88
C ILE A 29 13.17 19.00 7.47
N SER A 30 12.00 18.87 6.88
CA SER A 30 11.76 19.35 5.53
C SER A 30 11.13 20.71 5.74
N TRP A 31 11.78 21.72 5.18
CA TRP A 31 11.33 23.08 5.31
C TRP A 31 10.66 23.49 4.04
N LEU A 32 9.37 23.74 4.20
CA LEU A 32 8.50 24.11 3.13
C LEU A 32 8.46 25.61 3.01
N SER A 33 8.69 26.09 1.81
CA SER A 33 8.63 27.53 1.53
C SER A 33 7.19 27.90 1.35
N LEU A 34 6.76 28.98 1.97
CA LEU A 34 5.39 29.44 1.82
C LEU A 34 5.39 30.73 1.01
N SER A 35 6.28 30.84 0.06
CA SER A 35 6.31 32.06 -0.68
C SER A 35 5.27 32.06 -1.73
N ARG A 36 5.05 30.92 -2.40
CA ARG A 36 4.05 30.87 -3.46
C ARG A 36 2.63 31.04 -2.93
N VAL A 37 2.48 31.36 -1.64
CA VAL A 37 1.19 31.61 -1.02
C VAL A 37 1.40 32.94 -0.29
N ASN A 38 2.44 33.59 -0.78
CA ASN A 38 2.94 34.89 -0.36
C ASN A 38 3.32 35.06 1.09
N CYS A 39 3.99 34.07 1.69
CA CYS A 39 4.45 34.19 3.07
C CYS A 39 5.98 34.04 3.04
N SER A 40 6.68 34.84 3.83
CA SER A 40 8.15 34.74 3.88
C SER A 40 8.57 33.55 4.77
N GLN A 41 7.72 33.19 5.71
CA GLN A 41 8.05 32.08 6.57
C GLN A 41 8.25 30.74 5.85
N PHE A 42 8.72 29.77 6.62
CA PHE A 42 8.91 28.41 6.15
C PHE A 42 8.22 27.53 7.17
N LEU A 43 7.57 26.45 6.75
CA LEU A 43 6.93 25.58 7.73
C LEU A 43 7.75 24.28 7.72
N GLY A 44 7.91 23.65 8.89
CA GLY A 44 8.71 22.44 8.98
C GLY A 44 7.99 21.13 9.18
N LEU A 45 8.44 20.10 8.47
CA LEU A 45 7.82 18.79 8.60
C LEU A 45 8.78 17.66 8.81
N CYS A 46 8.41 16.78 9.71
CA CYS A 46 9.23 15.62 9.99
C CYS A 46 8.34 14.48 10.45
N ALA A 47 8.94 13.31 10.57
CA ALA A 47 8.22 12.13 11.02
C ALA A 47 8.32 12.05 12.54
N LEU A 48 7.54 11.16 13.14
CA LEU A 48 7.51 11.02 14.59
C LEU A 48 8.89 11.01 15.26
N PRO A 49 9.10 11.94 16.19
CA PRO A 49 10.40 11.96 16.86
C PRO A 49 10.43 10.79 17.86
N GLY A 50 11.46 9.96 17.81
CA GLY A 50 11.59 8.84 18.73
C GLY A 50 10.84 7.57 18.35
N CYS A 51 10.14 7.61 17.23
CA CYS A 51 9.36 6.46 16.77
C CYS A 51 10.07 5.10 16.75
N LYS A 52 9.46 4.13 17.41
CA LYS A 52 9.96 2.74 17.46
C LYS A 52 8.81 1.81 17.02
N PHE A 53 8.85 1.44 15.74
CA PHE A 53 7.84 0.61 15.11
C PHE A 53 8.43 0.21 13.74
N LYS A 54 7.99 -0.93 13.20
CA LYS A 54 8.44 -1.43 11.88
C LYS A 54 9.72 -0.88 11.23
N ASP A 55 10.85 -1.54 11.45
CA ASP A 55 12.10 -1.09 10.83
C ASP A 55 12.40 0.37 11.11
N VAL A 56 11.78 0.90 12.16
CA VAL A 56 11.97 2.30 12.57
C VAL A 56 12.01 2.50 14.08
N ARG A 57 13.19 2.81 14.61
CA ARG A 57 13.36 3.08 16.04
C ARG A 57 14.32 4.26 16.21
N ARG A 58 14.15 5.04 17.28
CA ARG A 58 15.01 6.20 17.49
C ARG A 58 15.03 6.57 18.97
N ASN A 59 15.84 7.57 19.32
CA ASN A 59 15.85 7.99 20.71
C ASN A 59 15.05 9.28 20.86
N VAL A 60 13.92 9.18 21.57
CA VAL A 60 13.05 10.31 21.82
C VAL A 60 13.92 11.47 22.25
N GLN A 61 14.32 11.44 23.52
CA GLN A 61 15.20 12.46 24.12
C GLN A 61 16.22 13.08 23.14
N LYS A 62 17.00 12.23 22.46
CA LYS A 62 17.99 12.70 21.51
C LYS A 62 17.36 13.48 20.36
N ASP A 63 16.34 12.89 19.73
CA ASP A 63 15.62 13.55 18.65
C ASP A 63 15.12 14.86 19.21
N THR A 64 14.39 14.77 20.31
CA THR A 64 13.86 15.93 20.99
C THR A 64 14.86 17.01 21.25
N GLU A 65 16.09 16.61 21.52
CA GLU A 65 17.14 17.59 21.78
C GLU A 65 17.55 18.25 20.48
N GLU A 66 17.78 17.45 19.45
CA GLU A 66 18.19 17.92 18.15
C GLU A 66 17.24 19.02 17.63
N LEU A 67 15.96 18.93 18.01
CA LEU A 67 14.95 19.90 17.58
C LEU A 67 15.22 21.22 18.23
N LYS A 68 15.49 21.14 19.51
CA LYS A 68 15.81 22.32 20.28
C LYS A 68 17.15 22.80 19.75
N SER A 69 18.01 21.87 19.37
CA SER A 69 19.26 22.26 18.80
C SER A 69 18.90 22.97 17.50
N CYS A 70 17.89 22.43 16.79
CA CYS A 70 17.45 22.99 15.51
C CYS A 70 16.73 24.32 15.57
N GLY A 71 16.28 24.74 16.75
CA GLY A 71 15.67 26.04 16.91
C GLY A 71 14.18 26.13 17.11
N ILE A 72 13.54 24.97 17.26
CA ILE A 72 12.07 24.88 17.37
C ILE A 72 11.31 25.44 18.58
N GLN A 73 10.41 26.37 18.28
CA GLN A 73 9.61 26.97 19.31
C GLN A 73 8.31 26.20 19.47
N ASP A 74 7.40 26.33 18.49
CA ASP A 74 6.09 25.64 18.50
C ASP A 74 6.10 24.35 17.69
N ILE A 75 5.41 23.31 18.21
CA ILE A 75 5.31 21.99 17.52
C ILE A 75 3.85 21.44 17.46
N PHE A 76 3.35 21.21 16.25
CA PHE A 76 2.00 20.70 16.01
C PHE A 76 2.02 19.21 15.85
N VAL A 77 1.33 18.50 16.74
CA VAL A 77 1.28 17.04 16.68
C VAL A 77 -0.15 16.59 16.39
N PHE A 78 -0.25 15.69 15.42
CA PHE A 78 -1.51 15.15 14.95
C PHE A 78 -1.72 13.68 15.26
N CYS A 79 -0.96 13.13 16.19
CA CYS A 79 -1.12 11.73 16.56
C CYS A 79 -2.18 11.70 17.64
N THR A 80 -2.11 10.73 18.53
CA THR A 80 -3.13 10.62 19.55
C THR A 80 -2.47 9.96 20.71
N ARG A 81 -2.91 10.26 21.93
CA ARG A 81 -2.33 9.57 23.07
C ARG A 81 -2.29 8.10 22.63
N GLY A 82 -3.38 7.69 22.00
CA GLY A 82 -3.47 6.33 21.53
C GLY A 82 -2.24 5.97 20.75
N GLU A 83 -1.80 6.86 19.85
CA GLU A 83 -0.63 6.59 19.03
C GLU A 83 0.71 6.84 19.71
N LEU A 84 0.78 7.85 20.58
CA LEU A 84 2.02 8.17 21.26
C LEU A 84 2.58 6.99 22.07
N SER A 85 1.69 6.20 22.66
CA SER A 85 2.10 5.03 23.44
C SER A 85 2.37 3.86 22.50
N LYS A 86 1.56 3.70 21.45
CA LYS A 86 1.79 2.60 20.53
C LYS A 86 3.11 2.65 19.78
N TYR A 87 3.77 3.79 19.84
CA TYR A 87 5.03 3.99 19.15
C TYR A 87 6.06 4.19 20.23
N ARG A 88 5.60 4.03 21.47
CA ARG A 88 6.46 4.13 22.62
C ARG A 88 7.09 5.50 22.76
N VAL A 89 6.26 6.53 22.73
CA VAL A 89 6.67 7.92 22.90
C VAL A 89 5.53 8.56 23.66
N PRO A 90 5.07 7.91 24.71
CA PRO A 90 3.96 8.44 25.50
C PRO A 90 4.18 9.87 26.00
N ASN A 91 5.32 10.04 26.65
CA ASN A 91 5.67 11.32 27.24
C ASN A 91 6.08 12.35 26.20
N LEU A 92 6.16 11.95 24.93
CA LEU A 92 6.56 12.86 23.87
C LEU A 92 6.14 14.29 24.21
N LEU A 93 4.84 14.50 24.32
CA LEU A 93 4.31 15.82 24.62
C LEU A 93 5.06 16.45 25.77
N ASP A 94 5.39 15.66 26.79
CA ASP A 94 6.14 16.19 27.92
C ASP A 94 7.57 16.47 27.55
N LEU A 95 8.24 15.52 26.96
CA LEU A 95 9.60 15.81 26.56
C LEU A 95 9.55 17.16 25.85
N TYR A 96 8.51 17.40 25.06
CA TYR A 96 8.41 18.67 24.36
C TYR A 96 8.17 19.79 25.37
N GLN A 97 7.27 19.53 26.31
CA GLN A 97 6.92 20.49 27.37
C GLN A 97 8.17 21.05 28.03
N GLN A 98 8.90 20.15 28.68
CA GLN A 98 10.11 20.49 29.39
C GLN A 98 11.32 20.52 28.48
N CYS A 99 11.18 21.12 27.32
CA CYS A 99 12.30 21.24 26.41
C CYS A 99 12.23 22.64 25.80
N GLY A 100 11.22 23.41 26.21
CA GLY A 100 11.07 24.78 25.71
C GLY A 100 10.13 24.94 24.52
N ILE A 101 9.53 23.83 24.11
CA ILE A 101 8.62 23.82 22.98
C ILE A 101 7.14 23.94 23.34
N ILE A 102 6.47 24.90 22.72
CA ILE A 102 5.05 25.12 22.94
C ILE A 102 4.41 24.14 22.00
N THR A 103 3.74 23.14 22.55
CA THR A 103 3.10 22.15 21.71
C THR A 103 1.61 22.36 21.57
N HIS A 104 1.10 22.07 20.38
CA HIS A 104 -0.32 22.14 20.09
C HIS A 104 -0.79 20.75 19.65
N HIS A 105 -1.50 20.03 20.52
CA HIS A 105 -2.01 18.70 20.19
C HIS A 105 -3.31 18.83 19.41
N HIS A 106 -3.36 18.22 18.23
CA HIS A 106 -4.55 18.28 17.41
C HIS A 106 -4.68 16.95 16.76
N PRO A 107 -4.98 15.93 17.57
CA PRO A 107 -5.12 14.60 17.01
C PRO A 107 -6.06 14.59 15.84
N ILE A 108 -5.70 13.79 14.85
CA ILE A 108 -6.48 13.61 13.63
C ILE A 108 -6.55 12.09 13.53
N ALA A 109 -7.76 11.56 13.43
CA ALA A 109 -7.91 10.11 13.37
C ALA A 109 -6.94 9.53 12.37
N ASP A 110 -6.30 8.41 12.72
CA ASP A 110 -5.37 7.74 11.82
C ASP A 110 -6.10 7.22 10.58
N GLY A 111 -5.55 7.56 9.41
CA GLY A 111 -6.18 7.14 8.17
C GLY A 111 -7.42 8.00 7.93
N GLY A 112 -7.54 9.09 8.70
CA GLY A 112 -8.65 9.98 8.54
C GLY A 112 -8.26 11.40 8.14
N THR A 113 -9.22 12.30 8.25
CA THR A 113 -9.05 13.71 7.95
C THR A 113 -9.69 14.46 9.12
N PRO A 114 -9.21 15.67 9.42
CA PRO A 114 -9.83 16.35 10.55
C PRO A 114 -11.19 16.95 10.24
N ASP A 115 -12.02 17.11 11.26
CA ASP A 115 -13.29 17.72 11.02
C ASP A 115 -12.94 19.18 10.81
N ILE A 116 -13.74 19.84 9.99
CA ILE A 116 -13.50 21.23 9.64
C ILE A 116 -13.31 22.18 10.76
N ALA A 117 -13.91 21.90 11.90
CA ALA A 117 -13.78 22.86 12.99
C ALA A 117 -12.44 22.71 13.66
N SER A 118 -11.88 21.51 13.55
CA SER A 118 -10.60 21.22 14.15
C SER A 118 -9.56 21.71 13.19
N CYS A 119 -9.76 21.31 11.94
CA CYS A 119 -8.84 21.66 10.90
C CYS A 119 -8.68 23.14 10.90
N CYS A 120 -9.75 23.83 11.28
CA CYS A 120 -9.78 25.29 11.32
C CYS A 120 -8.86 25.87 12.39
N GLU A 121 -8.89 25.29 13.59
CA GLU A 121 -8.05 25.77 14.68
C GLU A 121 -6.61 25.67 14.25
N ILE A 122 -6.26 24.53 13.67
CA ILE A 122 -4.91 24.33 13.18
C ILE A 122 -4.48 25.48 12.28
N MET A 123 -5.25 25.74 11.23
CA MET A 123 -4.90 26.83 10.33
C MET A 123 -4.68 28.12 11.08
N GLU A 124 -5.62 28.44 11.96
CA GLU A 124 -5.51 29.66 12.72
C GLU A 124 -4.21 29.64 13.51
N GLU A 125 -4.15 28.88 14.59
CA GLU A 125 -2.93 28.80 15.36
C GLU A 125 -1.68 28.77 14.47
N LEU A 126 -1.66 27.88 13.47
CA LEU A 126 -0.51 27.78 12.57
C LEU A 126 -0.18 29.11 11.96
N THR A 127 -1.20 29.78 11.45
CA THR A 127 -0.99 31.08 10.83
C THR A 127 -0.38 32.07 11.78
N THR A 128 -1.01 32.21 12.93
CA THR A 128 -0.53 33.10 13.94
C THR A 128 0.96 32.92 14.11
N CYS A 129 1.36 31.70 14.50
CA CYS A 129 2.78 31.36 14.70
C CYS A 129 3.70 31.97 13.65
N LEU A 130 3.30 31.83 12.39
CA LEU A 130 4.04 32.33 11.27
C LEU A 130 4.00 33.85 11.32
N LYS A 131 2.79 34.40 11.40
CA LYS A 131 2.58 35.86 11.46
C LYS A 131 3.56 36.44 12.48
N ASN A 132 3.71 35.70 13.58
CA ASN A 132 4.57 36.05 14.70
C ASN A 132 5.91 35.35 14.66
N TYR A 133 6.51 35.24 13.48
CA TYR A 133 7.84 34.64 13.33
C TYR A 133 8.33 33.48 14.22
N ARG A 134 7.43 32.56 14.55
CA ARG A 134 7.76 31.41 15.38
C ARG A 134 8.24 30.23 14.50
N LYS A 135 9.30 29.57 14.96
CA LYS A 135 9.92 28.43 14.29
C LYS A 135 8.95 27.27 14.56
N THR A 136 8.04 27.05 13.60
CA THR A 136 7.00 26.02 13.71
C THR A 136 7.27 24.70 12.96
N LEU A 137 7.03 23.60 13.65
CA LEU A 137 7.26 22.31 13.05
C LEU A 137 6.02 21.51 13.30
N ILE A 138 5.60 20.73 12.30
CA ILE A 138 4.40 19.90 12.45
C ILE A 138 4.70 18.47 12.12
N HIS A 139 3.92 17.56 12.68
CA HIS A 139 4.09 16.17 12.34
C HIS A 139 2.96 15.26 12.89
N SER A 140 2.93 14.04 12.36
CA SER A 140 2.00 12.99 12.76
C SER A 140 2.95 11.79 12.88
N TYR A 141 2.62 10.62 12.31
CA TYR A 141 3.54 9.48 12.39
C TYR A 141 4.50 9.44 11.22
N GLY A 142 3.95 9.09 10.05
CA GLY A 142 4.71 8.94 8.83
C GLY A 142 5.10 10.17 8.06
N GLY A 143 4.49 11.30 8.31
CA GLY A 143 4.91 12.43 7.51
C GLY A 143 4.87 12.12 6.01
N LEU A 144 3.67 11.87 5.50
CA LEU A 144 3.46 11.59 4.07
C LEU A 144 1.94 11.57 3.93
N GLY A 145 1.25 11.65 5.06
CA GLY A 145 -0.19 11.62 5.06
C GLY A 145 -0.77 12.76 5.82
N ARG A 146 -1.25 12.50 7.02
CA ARG A 146 -1.85 13.54 7.85
C ARG A 146 -1.19 14.91 7.79
N SER A 147 0.14 14.95 7.99
CA SER A 147 0.88 16.20 7.96
C SER A 147 1.00 16.79 6.59
N CYS A 148 0.96 15.95 5.58
CA CYS A 148 1.08 16.54 4.27
C CYS A 148 -0.24 17.19 3.96
N LEU A 149 -1.30 16.52 4.39
CA LEU A 149 -2.63 17.03 4.21
C LEU A 149 -2.65 18.41 4.90
N VAL A 150 -2.46 18.41 6.21
CA VAL A 150 -2.48 19.65 6.96
C VAL A 150 -1.63 20.74 6.38
N ALA A 151 -0.46 20.41 5.84
CA ALA A 151 0.40 21.47 5.27
C ALA A 151 -0.21 21.96 3.97
N ALA A 152 -0.72 21.00 3.20
CA ALA A 152 -1.39 21.30 1.95
C ALA A 152 -2.57 22.25 2.29
N CYS A 153 -3.35 21.93 3.31
CA CYS A 153 -4.41 22.83 3.65
C CYS A 153 -3.93 24.26 3.91
N LEU A 154 -2.90 24.46 4.75
CA LEU A 154 -2.40 25.82 5.01
C LEU A 154 -2.10 26.57 3.73
N LEU A 155 -1.75 25.87 2.66
CA LEU A 155 -1.50 26.56 1.41
C LEU A 155 -2.83 27.13 0.88
N LEU A 156 -3.86 26.28 0.82
CA LEU A 156 -5.19 26.70 0.36
C LEU A 156 -5.73 27.78 1.28
N TYR A 157 -5.22 27.80 2.52
CA TYR A 157 -5.65 28.75 3.53
C TYR A 157 -4.96 30.13 3.55
N LEU A 158 -3.71 30.19 3.10
CA LEU A 158 -3.01 31.45 3.09
C LEU A 158 -3.17 32.05 1.69
N SER A 159 -3.93 31.37 0.84
CA SER A 159 -4.13 31.84 -0.51
C SER A 159 -5.40 31.30 -1.14
N ASP A 160 -6.16 32.19 -1.78
CA ASP A 160 -7.39 31.79 -2.45
C ASP A 160 -7.12 31.64 -3.91
N THR A 161 -5.87 31.82 -4.32
CA THR A 161 -5.54 31.69 -5.73
C THR A 161 -4.83 30.39 -6.03
N ILE A 162 -4.24 29.76 -5.03
CA ILE A 162 -3.50 28.53 -5.25
C ILE A 162 -4.45 27.33 -5.40
N SER A 163 -4.16 26.45 -6.39
CA SER A 163 -4.98 25.25 -6.66
C SER A 163 -4.52 23.99 -5.95
N PRO A 164 -5.49 23.21 -5.45
CA PRO A 164 -5.32 21.96 -4.72
C PRO A 164 -4.32 21.17 -5.42
N GLU A 165 -4.42 21.21 -6.74
CA GLU A 165 -3.52 20.51 -7.63
C GLU A 165 -2.12 20.95 -7.25
N GLN A 166 -1.93 22.26 -7.23
CA GLN A 166 -0.67 22.86 -6.90
C GLN A 166 -0.10 22.58 -5.50
N ALA A 167 -0.86 22.89 -4.47
CA ALA A 167 -0.42 22.63 -3.13
C ALA A 167 0.07 21.19 -3.05
N ILE A 168 -0.62 20.31 -3.74
CA ILE A 168 -0.20 18.92 -3.69
C ILE A 168 1.21 18.84 -4.25
N ASP A 169 1.45 19.35 -5.45
CA ASP A 169 2.76 19.30 -6.00
C ASP A 169 3.75 19.93 -5.04
N SER A 170 3.30 20.95 -4.32
CA SER A 170 4.22 21.58 -3.37
C SER A 170 4.75 20.60 -2.37
N LEU A 171 3.87 19.82 -1.76
CA LEU A 171 4.31 18.83 -0.80
C LEU A 171 5.06 17.74 -1.55
N ARG A 172 4.58 17.33 -2.71
CA ARG A 172 5.30 16.30 -3.46
C ARG A 172 6.72 16.82 -3.67
N ASP A 173 6.88 18.11 -3.85
CA ASP A 173 8.23 18.57 -4.07
C ASP A 173 9.02 18.45 -2.80
N LEU A 174 8.33 18.63 -1.70
CA LEU A 174 8.98 18.63 -0.42
C LEU A 174 9.23 17.23 0.04
N ARG A 175 8.23 16.38 -0.05
CA ARG A 175 8.39 15.07 0.50
C ARG A 175 8.43 13.89 -0.38
N GLY A 176 8.26 14.05 -1.69
CA GLY A 176 8.35 12.88 -2.55
C GLY A 176 7.07 12.68 -3.28
N SER A 177 7.09 11.89 -4.35
CA SER A 177 5.88 11.72 -5.13
C SER A 177 4.81 10.94 -4.41
N GLY A 178 5.10 10.60 -3.17
CA GLY A 178 4.12 9.85 -2.39
C GLY A 178 3.34 10.76 -1.49
N ALA A 179 3.51 12.08 -1.73
CA ALA A 179 2.88 13.18 -1.00
C ALA A 179 1.56 12.79 -0.43
N ILE A 180 0.50 13.40 -0.93
CA ILE A 180 -0.81 13.04 -0.42
C ILE A 180 -0.99 11.66 -1.00
N GLN A 181 -1.00 10.65 -0.15
CA GLN A 181 -1.10 9.27 -0.61
C GLN A 181 -2.51 8.82 -0.99
N THR A 182 -3.35 8.80 0.03
CA THR A 182 -4.73 8.41 -0.07
C THR A 182 -5.58 9.24 -1.04
N ILE A 183 -6.80 8.76 -1.23
CA ILE A 183 -7.78 9.42 -2.08
C ILE A 183 -8.64 10.26 -1.18
N LYS A 184 -8.90 9.79 0.04
CA LYS A 184 -9.69 10.60 0.95
C LYS A 184 -9.01 11.96 1.12
N GLN A 185 -7.69 11.96 1.23
CA GLN A 185 -6.91 13.18 1.38
C GLN A 185 -7.05 14.05 0.16
N TYR A 186 -6.93 13.43 -1.00
CA TYR A 186 -7.07 14.16 -2.25
C TYR A 186 -8.43 14.85 -2.32
N ASN A 187 -9.52 14.11 -2.05
CA ASN A 187 -10.87 14.67 -2.04
C ASN A 187 -11.00 15.82 -1.04
N TYR A 188 -10.55 15.55 0.17
CA TYR A 188 -10.55 16.51 1.27
C TYR A 188 -9.90 17.81 0.87
N LEU A 189 -8.82 17.72 0.11
CA LEU A 189 -8.12 18.94 -0.24
C LEU A 189 -8.95 19.75 -1.20
N HIS A 190 -9.59 19.05 -2.15
CA HIS A 190 -10.42 19.74 -3.13
C HIS A 190 -11.72 20.29 -2.54
N GLU A 191 -11.99 19.99 -1.29
CA GLU A 191 -13.21 20.45 -0.65
C GLU A 191 -12.97 21.26 0.60
N PHE A 192 -11.71 21.51 0.90
CA PHE A 192 -11.37 22.24 2.11
C PHE A 192 -11.89 23.67 2.06
N ARG A 193 -11.66 24.32 0.94
CA ARG A 193 -12.08 25.69 0.76
C ARG A 193 -13.60 25.84 1.05
N ASP A 194 -14.41 24.94 0.47
CA ASP A 194 -15.87 24.96 0.68
C ASP A 194 -16.23 24.68 2.13
N LYS A 195 -15.86 23.50 2.62
CA LYS A 195 -16.18 23.18 4.01
C LYS A 195 -15.69 24.26 4.97
N LEU A 196 -14.55 24.86 4.69
CA LEU A 196 -14.01 25.91 5.53
C LEU A 196 -14.93 27.11 5.51
N ALA A 197 -15.40 27.48 4.32
CA ALA A 197 -16.35 28.60 4.14
C ALA A 197 -17.68 28.18 4.80
N ALA A 198 -18.18 27.00 4.43
CA ALA A 198 -19.41 26.45 4.99
C ALA A 198 -19.41 26.55 6.53
N HIS A 199 -18.24 26.85 7.10
CA HIS A 199 -18.05 27.04 8.53
C HIS A 199 -18.33 28.55 8.58
N LEU A 200 -19.36 28.93 7.81
CA LEU A 200 -19.85 30.31 7.64
C LEU A 200 -20.77 30.62 8.80
N SER A 201 -21.26 29.55 9.41
CA SER A 201 -22.16 29.64 10.53
C SER A 201 -21.47 30.41 11.64
N SER A 202 -21.30 31.72 11.44
CA SER A 202 -20.66 32.59 12.44
C SER A 202 -21.26 32.16 13.77
N ARG A 203 -22.58 31.98 13.73
CA ARG A 203 -23.43 31.59 14.85
C ARG A 203 -23.87 32.83 15.61
N MET B 1 22.50 -23.49 16.25
CA MET B 1 21.23 -22.84 15.83
C MET B 1 20.64 -23.51 14.58
N GLU B 2 19.92 -24.61 14.83
CA GLU B 2 19.24 -25.43 13.82
C GLU B 2 19.97 -26.01 12.62
N ASN B 3 19.99 -27.34 12.59
CA ASN B 3 20.60 -28.13 11.53
C ASN B 3 20.13 -27.64 10.16
N PHE B 4 20.83 -26.65 9.60
CA PHE B 4 20.47 -26.12 8.28
C PHE B 4 21.60 -25.47 7.49
N GLN B 5 21.26 -24.89 6.35
CA GLN B 5 22.29 -24.28 5.53
C GLN B 5 21.91 -23.05 4.71
N LYS B 6 21.98 -21.88 5.33
CA LYS B 6 21.66 -20.63 4.62
C LYS B 6 22.64 -20.52 3.45
N VAL B 7 22.13 -20.45 2.22
CA VAL B 7 23.00 -20.36 1.06
C VAL B 7 22.90 -19.04 0.32
N GLU B 8 21.70 -18.72 -0.17
CA GLU B 8 21.47 -17.49 -0.92
C GLU B 8 20.15 -16.81 -0.55
N LYS B 9 20.10 -15.49 -0.65
CA LYS B 9 18.91 -14.72 -0.33
C LYS B 9 17.97 -14.62 -1.52
N ILE B 10 16.92 -15.45 -1.53
CA ILE B 10 15.97 -15.42 -2.63
C ILE B 10 15.12 -14.17 -2.49
N GLY B 11 15.00 -13.66 -1.27
CA GLY B 11 14.21 -12.47 -1.04
C GLY B 11 14.36 -11.77 0.29
N GLU B 12 13.68 -10.62 0.40
CA GLU B 12 13.69 -9.77 1.60
C GLU B 12 12.77 -8.54 1.51
N GLY B 13 11.48 -8.77 1.72
CA GLY B 13 10.52 -7.68 1.66
C GLY B 13 9.88 -7.40 3.00
N THR B 14 9.41 -6.17 3.18
CA THR B 14 8.77 -5.74 4.42
C THR B 14 9.17 -6.58 5.65
N TYR B 15 10.10 -6.03 6.41
CA TYR B 15 10.65 -6.62 7.63
C TYR B 15 10.76 -8.15 7.62
N GLY B 16 11.77 -8.67 6.93
CA GLY B 16 11.98 -10.12 6.84
C GLY B 16 12.82 -10.54 5.65
N VAL B 17 13.42 -11.74 5.71
CA VAL B 17 14.26 -12.28 4.62
C VAL B 17 13.87 -13.72 4.30
N VAL B 18 14.09 -14.14 3.06
CA VAL B 18 13.78 -15.51 2.67
C VAL B 18 15.01 -16.17 2.08
N TYR B 19 15.88 -16.70 2.94
CA TYR B 19 17.08 -17.36 2.47
C TYR B 19 16.75 -18.72 1.88
N LYS B 20 17.70 -19.27 1.13
CA LYS B 20 17.58 -20.60 0.53
C LYS B 20 18.43 -21.45 1.46
N ALA B 21 18.28 -22.76 1.39
CA ALA B 21 19.07 -23.62 2.26
C ALA B 21 18.88 -25.10 1.99
N ARG B 22 19.73 -25.91 2.61
CA ARG B 22 19.65 -27.35 2.46
C ARG B 22 19.47 -27.97 3.85
N ASN B 23 18.95 -29.19 3.87
CA ASN B 23 18.77 -29.94 5.09
C ASN B 23 20.22 -30.26 5.52
N LYS B 24 20.65 -29.75 6.67
CA LYS B 24 22.02 -29.98 7.15
C LYS B 24 22.28 -31.49 7.34
N LEU B 25 21.44 -32.31 6.72
CA LEU B 25 21.53 -33.76 6.80
C LEU B 25 21.56 -34.39 5.39
N THR B 26 20.40 -34.51 4.75
CA THR B 26 20.35 -35.06 3.41
C THR B 26 20.09 -33.92 2.43
N GLY B 27 20.16 -32.69 2.95
CA GLY B 27 19.95 -31.50 2.13
C GLY B 27 18.56 -31.33 1.58
N GLU B 28 18.31 -31.97 0.45
CA GLU B 28 17.02 -31.92 -0.24
C GLU B 28 16.36 -30.54 -0.09
N VAL B 29 16.66 -29.67 -1.07
CA VAL B 29 16.15 -28.29 -1.16
C VAL B 29 15.88 -27.53 0.15
N VAL B 30 14.97 -26.56 0.07
CA VAL B 30 14.50 -25.68 1.16
C VAL B 30 14.44 -24.20 0.76
N ALA B 31 13.36 -23.54 1.18
CA ALA B 31 13.14 -22.12 0.94
C ALA B 31 12.93 -21.43 2.28
N LEU B 32 13.56 -21.97 3.33
CA LEU B 32 13.43 -21.42 4.68
C LEU B 32 13.20 -19.92 4.73
N LYS B 33 12.09 -19.50 5.32
CA LYS B 33 11.76 -18.09 5.46
C LYS B 33 12.35 -17.58 6.78
N LYS B 34 11.83 -16.47 7.30
CA LYS B 34 12.35 -15.92 8.52
C LYS B 34 11.51 -14.72 8.80
N ILE B 35 11.29 -14.45 10.08
CA ILE B 35 10.50 -13.30 10.51
C ILE B 35 11.00 -12.88 11.88
N ARG B 36 10.97 -11.93 12.58
CA ARG B 36 11.65 -11.53 13.81
C ARG B 36 10.73 -10.75 14.74
N LEU B 37 10.77 -11.11 16.02
CA LEU B 37 9.97 -10.46 17.06
C LEU B 37 10.96 -9.90 18.07
N ASP B 38 11.66 -10.80 18.76
CA ASP B 38 12.65 -10.46 19.79
C ASP B 38 12.03 -10.27 21.19
N THR B 39 10.76 -10.64 21.35
CA THR B 39 10.07 -10.45 22.64
C THR B 39 10.13 -8.94 22.91
N GLU B 40 9.44 -8.47 23.93
CA GLU B 40 9.47 -7.04 24.23
C GLU B 40 9.12 -6.30 22.93
N THR B 41 8.36 -6.96 22.05
CA THR B 41 7.95 -6.41 20.77
C THR B 41 6.43 -6.26 20.68
N GLU B 42 5.95 -5.56 19.65
CA GLU B 42 4.52 -5.32 19.47
C GLU B 42 3.65 -6.56 19.17
N GLY B 43 2.80 -6.89 20.14
CA GLY B 43 1.86 -8.01 20.07
C GLY B 43 2.18 -9.31 19.35
N VAL B 44 3.45 -9.69 19.30
CA VAL B 44 3.88 -10.92 18.63
C VAL B 44 3.65 -10.73 17.13
N PRO B 45 4.30 -11.56 16.28
CA PRO B 45 4.02 -11.33 14.86
C PRO B 45 2.77 -12.10 14.40
N SER B 46 1.82 -11.36 13.83
CA SER B 46 0.57 -11.93 13.33
C SER B 46 0.90 -12.49 11.96
N THR B 47 1.90 -11.89 11.34
CA THR B 47 2.37 -12.29 10.03
C THR B 47 2.32 -13.80 9.98
N ALA B 48 1.95 -14.19 10.99
CA ALA B 48 2.28 -15.57 10.69
C ALA B 48 1.21 -16.54 11.17
N ILE B 49 0.92 -16.49 12.47
CA ILE B 49 -0.07 -17.37 13.08
C ILE B 49 -1.14 -17.72 12.08
N ARG B 50 -1.78 -16.69 11.54
CA ARG B 50 -2.83 -16.91 10.58
C ARG B 50 -2.27 -17.49 9.28
N GLU B 51 -1.13 -16.98 8.84
CA GLU B 51 -0.51 -17.42 7.60
C GLU B 51 -0.05 -18.87 7.61
N ILE B 52 0.27 -19.38 8.79
CA ILE B 52 0.71 -20.76 8.87
C ILE B 52 -0.58 -21.56 8.83
N SER B 53 -1.59 -21.00 9.48
CA SER B 53 -2.91 -21.59 9.57
C SER B 53 -3.51 -21.76 8.19
N LEU B 54 -3.89 -20.64 7.59
CA LEU B 54 -4.49 -20.67 6.27
C LEU B 54 -3.68 -21.53 5.32
N LEU B 55 -2.37 -21.59 5.56
CA LEU B 55 -1.47 -22.37 4.73
C LEU B 55 -1.73 -23.85 4.94
N LYS B 56 -2.12 -24.20 6.17
CA LYS B 56 -2.46 -25.58 6.50
C LYS B 56 -3.83 -25.87 5.90
N GLU B 57 -4.89 -25.25 6.45
CA GLU B 57 -6.24 -25.46 5.94
C GLU B 57 -6.17 -25.56 4.41
N LEU B 58 -5.33 -24.74 3.82
CA LEU B 58 -5.16 -24.75 2.37
C LEU B 58 -4.01 -25.65 1.94
N ASN B 59 -4.38 -26.68 1.20
CA ASN B 59 -3.43 -27.62 0.68
C ASN B 59 -3.94 -27.98 -0.70
N HIS B 60 -3.39 -27.31 -1.71
CA HIS B 60 -3.80 -27.53 -3.10
C HIS B 60 -2.53 -27.51 -3.96
N PRO B 61 -2.59 -28.06 -5.19
CA PRO B 61 -1.41 -28.06 -6.05
C PRO B 61 -0.72 -26.70 -6.15
N ASN B 62 -1.40 -25.74 -6.78
CA ASN B 62 -0.85 -24.42 -6.96
C ASN B 62 -0.83 -23.54 -5.71
N ILE B 63 -0.33 -24.09 -4.60
CA ILE B 63 -0.27 -23.35 -3.36
C ILE B 63 0.94 -23.80 -2.54
N VAL B 64 1.94 -22.93 -2.52
CA VAL B 64 3.16 -23.23 -1.77
C VAL B 64 2.88 -24.17 -0.62
N LYS B 65 3.73 -25.17 -0.50
CA LYS B 65 3.62 -26.15 0.56
C LYS B 65 4.47 -25.67 1.73
N LEU B 66 3.83 -25.21 2.79
CA LEU B 66 4.57 -24.77 3.96
C LEU B 66 5.12 -26.01 4.65
N LEU B 67 6.16 -26.58 4.05
CA LEU B 67 6.78 -27.78 4.58
C LEU B 67 6.82 -27.86 6.11
N ASP B 68 7.48 -26.89 6.75
CA ASP B 68 7.54 -26.93 8.20
C ASP B 68 7.81 -25.57 8.84
N VAL B 69 7.99 -25.58 10.15
CA VAL B 69 8.24 -24.37 10.91
C VAL B 69 9.10 -24.65 12.13
N ILE B 70 9.96 -23.69 12.46
CA ILE B 70 10.83 -23.78 13.63
C ILE B 70 10.46 -22.59 14.51
N HIS B 71 9.81 -22.88 15.62
CA HIS B 71 9.30 -21.86 16.53
C HIS B 71 10.25 -21.08 17.45
N THR B 72 11.55 -21.35 17.37
CA THR B 72 12.53 -20.66 18.23
C THR B 72 12.10 -19.24 18.71
N GLU B 73 12.22 -18.99 20.02
CA GLU B 73 11.87 -17.69 20.66
C GLU B 73 12.64 -16.50 20.05
N ASN B 74 13.94 -16.71 19.86
CA ASN B 74 14.83 -15.70 19.28
C ASN B 74 14.19 -15.04 18.06
N LYS B 75 14.03 -15.82 16.99
CA LYS B 75 13.45 -15.37 15.73
C LYS B 75 12.70 -16.57 15.13
N LEU B 76 11.52 -16.32 14.56
CA LEU B 76 10.71 -17.37 13.96
C LEU B 76 11.02 -17.62 12.49
N TYR B 77 11.24 -18.89 12.14
CA TYR B 77 11.53 -19.30 10.77
C TYR B 77 10.46 -20.26 10.25
N LEU B 78 10.20 -20.20 8.94
CA LEU B 78 9.19 -21.08 8.35
C LEU B 78 9.73 -21.85 7.16
N VAL B 79 9.99 -23.13 7.36
CA VAL B 79 10.50 -23.92 6.26
C VAL B 79 9.47 -23.95 5.16
N PHE B 80 9.87 -23.53 3.98
CA PHE B 80 8.98 -23.57 2.84
C PHE B 80 9.54 -24.50 1.80
N GLU B 81 8.73 -24.75 0.77
CA GLU B 81 9.10 -25.60 -0.33
C GLU B 81 9.84 -24.70 -1.31
N PHE B 82 11.16 -24.88 -1.45
CA PHE B 82 11.90 -24.03 -2.38
C PHE B 82 11.33 -24.14 -3.77
N LEU B 83 11.41 -23.07 -4.54
CA LEU B 83 10.86 -23.11 -5.88
C LEU B 83 11.47 -22.15 -6.92
N HIS B 84 12.78 -22.20 -7.06
CA HIS B 84 13.51 -21.38 -8.04
C HIS B 84 13.31 -19.86 -7.97
N GLN B 85 12.28 -19.36 -8.65
CA GLN B 85 11.99 -17.93 -8.66
C GLN B 85 10.51 -17.54 -8.73
N ASP B 86 10.22 -16.27 -8.43
CA ASP B 86 8.86 -15.75 -8.47
C ASP B 86 8.61 -15.19 -9.86
N LEU B 87 7.37 -14.85 -10.13
CA LEU B 87 6.99 -14.32 -11.45
C LEU B 87 7.55 -12.92 -11.74
N LYS B 88 7.87 -12.15 -10.72
CA LYS B 88 8.42 -10.83 -11.00
C LYS B 88 9.75 -11.11 -11.69
N LYS B 89 10.60 -11.90 -11.04
CA LYS B 89 11.91 -12.28 -11.60
C LYS B 89 11.77 -12.71 -13.04
N PHE B 90 11.04 -13.80 -13.21
CA PHE B 90 10.77 -14.36 -14.51
C PHE B 90 10.22 -13.27 -15.43
N MET B 91 9.11 -12.66 -15.06
CA MET B 91 8.54 -11.63 -15.91
C MET B 91 9.63 -10.70 -16.35
N ASP B 92 10.39 -10.20 -15.39
CA ASP B 92 11.47 -9.27 -15.69
C ASP B 92 12.34 -9.95 -16.73
N ALA B 93 13.11 -10.94 -16.28
CA ALA B 93 14.02 -11.71 -17.15
C ALA B 93 13.28 -12.40 -18.30
N SER B 94 12.56 -11.60 -19.10
CA SER B 94 11.78 -12.08 -20.24
C SER B 94 11.11 -10.89 -20.90
N ALA B 95 11.15 -9.75 -20.23
CA ALA B 95 10.48 -8.55 -20.70
C ALA B 95 10.94 -7.94 -22.02
N LEU B 96 11.91 -8.57 -22.67
CA LEU B 96 12.42 -8.03 -23.92
C LEU B 96 11.93 -8.83 -25.14
N THR B 97 11.82 -10.13 -24.93
CA THR B 97 11.38 -11.07 -25.96
C THR B 97 9.99 -11.62 -25.62
N GLY B 98 9.48 -11.26 -24.44
CA GLY B 98 8.17 -11.71 -24.04
C GLY B 98 8.09 -13.16 -23.54
N ILE B 99 6.90 -13.56 -23.12
CA ILE B 99 6.67 -14.91 -22.62
C ILE B 99 5.76 -15.65 -23.60
N PRO B 100 5.97 -16.97 -23.75
CA PRO B 100 5.19 -17.84 -24.66
C PRO B 100 3.70 -17.74 -24.41
N LEU B 101 2.95 -17.21 -25.39
CA LEU B 101 1.49 -17.08 -25.26
C LEU B 101 0.86 -18.27 -24.55
N PRO B 102 1.43 -19.47 -24.73
CA PRO B 102 0.87 -20.63 -24.04
C PRO B 102 1.29 -20.58 -22.57
N LEU B 103 2.59 -20.63 -22.32
CA LEU B 103 3.08 -20.59 -20.95
C LEU B 103 2.33 -19.54 -20.12
N ILE B 104 1.92 -18.47 -20.79
CA ILE B 104 1.18 -17.45 -20.12
C ILE B 104 -0.05 -18.13 -19.56
N LYS B 105 -0.92 -18.56 -20.47
CA LYS B 105 -2.18 -19.23 -20.19
C LYS B 105 -2.01 -20.44 -19.26
N SER B 106 -0.97 -21.23 -19.50
CA SER B 106 -0.66 -22.40 -18.66
C SER B 106 -0.48 -21.87 -17.23
N TYR B 107 0.11 -20.69 -17.16
CA TYR B 107 0.37 -20.03 -15.90
C TYR B 107 -0.90 -19.38 -15.30
N LEU B 108 -1.62 -18.59 -16.11
CA LEU B 108 -2.84 -17.94 -15.65
C LEU B 108 -3.76 -19.03 -15.15
N PHE B 109 -4.01 -20.03 -16.00
CA PHE B 109 -4.89 -21.17 -15.71
C PHE B 109 -4.61 -21.87 -14.37
N GLN B 110 -3.37 -22.28 -14.15
CA GLN B 110 -3.04 -22.96 -12.90
C GLN B 110 -3.32 -22.03 -11.73
N LEU B 111 -3.29 -20.73 -12.00
CA LEU B 111 -3.54 -19.71 -10.98
C LEU B 111 -5.03 -19.66 -10.67
N LEU B 112 -5.83 -19.23 -11.65
CA LEU B 112 -7.29 -19.15 -11.48
C LEU B 112 -7.74 -20.29 -10.62
N GLN B 113 -7.32 -21.50 -10.97
CA GLN B 113 -7.69 -22.65 -10.20
C GLN B 113 -7.22 -22.44 -8.75
N GLY B 114 -5.95 -22.73 -8.48
CA GLY B 114 -5.43 -22.55 -7.13
C GLY B 114 -6.13 -21.41 -6.40
N LEU B 115 -6.45 -20.33 -7.12
CA LEU B 115 -7.12 -19.21 -6.50
C LEU B 115 -8.50 -19.67 -6.07
N ALA B 116 -9.34 -19.96 -7.07
CA ALA B 116 -10.70 -20.44 -6.85
C ALA B 116 -10.75 -21.50 -5.72
N PHE B 117 -9.63 -22.18 -5.51
CA PHE B 117 -9.56 -23.17 -4.44
C PHE B 117 -9.66 -22.45 -3.08
N CYS B 118 -8.85 -21.42 -2.88
CA CYS B 118 -8.88 -20.69 -1.63
C CYS B 118 -10.24 -20.05 -1.51
N HIS B 119 -10.59 -19.25 -2.51
CA HIS B 119 -11.88 -18.59 -2.51
C HIS B 119 -12.93 -19.55 -1.96
N SER B 120 -12.90 -20.79 -2.43
CA SER B 120 -13.85 -21.83 -2.02
C SER B 120 -13.77 -22.19 -0.54
N HIS B 121 -12.68 -21.84 0.14
CA HIS B 121 -12.53 -22.16 1.55
C HIS B 121 -12.86 -20.97 2.43
N ARG B 122 -13.53 -19.99 1.82
CA ARG B 122 -13.96 -18.77 2.49
C ARG B 122 -12.81 -17.79 2.77
N VAL B 123 -11.78 -17.84 1.91
CA VAL B 123 -10.57 -17.00 2.01
C VAL B 123 -10.29 -16.00 0.87
N LEU B 124 -9.70 -14.86 1.24
CA LEU B 124 -9.30 -13.83 0.26
C LEU B 124 -7.79 -13.77 0.32
N HIS B 125 -7.10 -13.76 -0.82
CA HIS B 125 -5.64 -13.71 -0.77
C HIS B 125 -5.23 -12.30 -0.44
N ARG B 126 -5.62 -11.38 -1.33
CA ARG B 126 -5.36 -9.97 -1.13
C ARG B 126 -4.00 -9.41 -1.47
N ASP B 127 -2.96 -10.24 -1.43
CA ASP B 127 -1.63 -9.74 -1.76
C ASP B 127 -1.17 -10.29 -3.11
N LEU B 128 -2.11 -10.47 -4.02
CA LEU B 128 -1.73 -11.02 -5.31
C LEU B 128 -0.92 -10.01 -6.08
N LYS B 129 0.31 -10.41 -6.41
CA LYS B 129 1.22 -9.58 -7.17
C LYS B 129 2.38 -10.50 -7.51
N PRO B 130 2.93 -10.37 -8.73
CA PRO B 130 4.04 -11.15 -9.26
C PRO B 130 5.05 -11.69 -8.27
N GLN B 131 5.64 -10.82 -7.47
CA GLN B 131 6.63 -11.29 -6.52
C GLN B 131 6.10 -12.33 -5.54
N ASN B 132 4.78 -12.51 -5.53
CA ASN B 132 4.13 -13.45 -4.62
C ASN B 132 3.63 -14.68 -5.37
N LEU B 133 3.86 -14.69 -6.68
CA LEU B 133 3.48 -15.83 -7.51
C LEU B 133 4.79 -16.49 -7.93
N LEU B 134 4.95 -17.74 -7.53
CA LEU B 134 6.14 -18.53 -7.79
C LEU B 134 6.02 -19.47 -8.99
N ILE B 135 7.15 -19.76 -9.63
CA ILE B 135 7.14 -20.67 -10.78
C ILE B 135 8.24 -21.73 -10.66
N ASN B 136 8.16 -22.77 -11.50
CA ASN B 136 9.20 -23.80 -11.52
C ASN B 136 9.54 -24.17 -12.96
N THR B 137 10.63 -24.92 -13.07
CA THR B 137 11.19 -25.39 -14.34
C THR B 137 10.25 -26.00 -15.40
N GLU B 138 9.27 -26.79 -14.95
CA GLU B 138 8.31 -27.50 -15.82
C GLU B 138 7.06 -26.74 -16.27
N GLY B 139 6.89 -25.53 -15.77
CA GLY B 139 5.73 -24.74 -16.14
C GLY B 139 4.61 -24.81 -15.14
N ALA B 140 5.00 -24.88 -13.87
CA ALA B 140 4.06 -24.95 -12.74
C ALA B 140 4.12 -23.65 -11.91
N ILE B 141 2.96 -23.09 -11.61
CA ILE B 141 2.89 -21.84 -10.87
C ILE B 141 2.05 -21.89 -9.59
N LYS B 142 2.70 -21.59 -8.47
CA LYS B 142 2.07 -21.58 -7.13
C LYS B 142 1.80 -20.17 -6.57
N LEU B 143 1.10 -20.11 -5.43
CA LEU B 143 0.75 -18.86 -4.75
C LEU B 143 1.57 -18.71 -3.47
N ALA B 144 1.76 -17.50 -2.98
CA ALA B 144 2.52 -17.38 -1.75
C ALA B 144 2.16 -16.18 -0.90
N ASP B 145 2.99 -15.93 0.12
CA ASP B 145 2.76 -14.84 1.06
C ASP B 145 1.26 -14.74 1.33
N PHE B 146 0.75 -15.76 1.99
CA PHE B 146 -0.63 -15.79 2.36
C PHE B 146 -0.60 -14.93 3.63
N GLY B 147 0.39 -14.04 3.66
CA GLY B 147 0.60 -13.14 4.78
C GLY B 147 -0.49 -12.11 4.95
N LEU B 148 -1.30 -11.87 3.92
CA LEU B 148 -2.38 -10.91 4.05
C LEU B 148 -3.70 -11.58 3.78
N ALA B 149 -3.66 -12.90 3.70
CA ALA B 149 -4.86 -13.72 3.44
C ALA B 149 -5.80 -13.77 4.63
N ARG B 150 -7.05 -13.36 4.43
CA ARG B 150 -8.01 -13.39 5.50
C ARG B 150 -9.30 -13.99 4.96
N ALA B 151 -10.21 -14.32 5.87
CA ALA B 151 -11.51 -14.91 5.56
C ALA B 151 -12.50 -13.82 5.20
N PHE B 152 -13.37 -14.15 4.24
CA PHE B 152 -14.40 -13.25 3.72
C PHE B 152 -14.86 -12.19 4.67
N GLY B 153 -15.29 -11.07 4.10
CA GLY B 153 -15.80 -9.97 4.90
C GLY B 153 -14.89 -9.24 5.87
N VAL B 154 -13.61 -9.07 5.54
CA VAL B 154 -12.73 -8.29 6.40
C VAL B 154 -12.93 -6.89 5.86
N PRO B 155 -13.00 -5.89 6.73
CA PRO B 155 -13.20 -4.50 6.30
C PRO B 155 -11.98 -3.78 5.81
N VAL B 156 -12.19 -2.72 5.05
CA VAL B 156 -11.07 -1.93 4.56
C VAL B 156 -10.74 -1.02 5.75
N ARG B 157 -9.47 -1.05 6.14
CA ARG B 157 -8.96 -0.26 7.25
C ARG B 157 -7.67 0.40 6.74
N THR B 158 -7.49 1.69 6.99
CA THR B 158 -6.29 2.35 6.52
C THR B 158 -5.47 2.97 7.65
N TYR B 159 -4.14 2.88 7.55
CA TYR B 159 -3.20 3.39 8.57
C TYR B 159 -2.07 4.26 8.04
N HIS B 161 0.91 4.58 8.76
CA HIS B 161 2.16 3.82 8.57
C HIS B 161 2.06 2.67 7.56
N GLU B 162 0.83 2.23 7.32
CA GLU B 162 0.55 1.13 6.41
C GLU B 162 0.59 1.63 4.96
N VAL B 163 1.76 2.02 4.46
CA VAL B 163 1.86 2.53 3.10
C VAL B 163 2.47 1.55 2.08
N VAL B 164 1.58 0.80 1.43
CA VAL B 164 1.94 -0.23 0.46
C VAL B 164 1.99 0.15 -1.02
N THR B 165 2.23 -0.87 -1.83
CA THR B 165 2.39 -0.76 -3.27
C THR B 165 1.21 -0.29 -4.17
N LEU B 166 0.00 -0.81 -4.00
CA LEU B 166 -1.15 -0.34 -4.81
C LEU B 166 -1.25 -0.62 -6.29
N TRP B 167 -0.20 -1.10 -6.92
CA TRP B 167 -0.30 -1.30 -8.37
C TRP B 167 -1.43 -2.22 -8.76
N TYR B 168 -1.79 -3.12 -7.85
CA TYR B 168 -2.83 -4.11 -8.09
C TYR B 168 -4.16 -4.01 -7.31
N ARG B 169 -4.50 -2.81 -6.86
CA ARG B 169 -5.73 -2.67 -6.13
C ARG B 169 -6.87 -2.35 -7.08
N ALA B 170 -8.03 -2.91 -6.80
CA ALA B 170 -9.20 -2.73 -7.62
C ALA B 170 -9.95 -1.51 -7.24
N PRO B 171 -10.54 -0.86 -8.23
CA PRO B 171 -11.31 0.36 -8.09
C PRO B 171 -12.31 0.41 -6.94
N GLU B 172 -12.95 -0.71 -6.64
CA GLU B 172 -13.91 -0.65 -5.57
C GLU B 172 -13.15 -0.36 -4.25
N ILE B 173 -11.92 -0.86 -4.11
CA ILE B 173 -11.24 -0.55 -2.88
C ILE B 173 -10.69 0.88 -2.85
N LEU B 174 -10.20 1.38 -3.98
CA LEU B 174 -9.66 2.73 -4.00
C LEU B 174 -10.79 3.71 -3.72
N LEU B 175 -11.95 3.53 -4.36
CA LEU B 175 -13.09 4.44 -4.10
C LEU B 175 -13.73 4.31 -2.71
N GLY B 176 -13.09 3.56 -1.81
CA GLY B 176 -13.58 3.43 -0.45
C GLY B 176 -14.89 2.72 -0.26
N CYS B 177 -14.83 1.52 0.27
CA CYS B 177 -16.01 0.71 0.49
C CYS B 177 -15.72 -0.26 1.61
N LYS B 178 -16.51 -0.20 2.67
CA LYS B 178 -16.32 -1.09 3.80
C LYS B 178 -16.06 -2.50 3.28
N TYR B 179 -15.15 -3.21 3.95
CA TYR B 179 -14.78 -4.59 3.57
C TYR B 179 -14.52 -4.88 2.11
N TYR B 180 -13.80 -5.97 1.87
CA TYR B 180 -13.62 -6.35 0.51
C TYR B 180 -13.81 -7.83 0.28
N SER B 181 -13.98 -8.15 -0.99
CA SER B 181 -14.27 -9.47 -1.43
C SER B 181 -13.21 -10.14 -2.25
N THR B 182 -13.64 -11.23 -2.85
CA THR B 182 -12.85 -12.08 -3.72
C THR B 182 -12.72 -11.37 -5.05
N ALA B 183 -13.54 -10.37 -5.30
CA ALA B 183 -13.47 -9.68 -6.57
C ALA B 183 -12.13 -9.03 -6.70
N VAL B 184 -11.52 -8.77 -5.56
CA VAL B 184 -10.24 -8.13 -5.54
C VAL B 184 -9.18 -9.02 -6.19
N ASP B 185 -9.05 -10.24 -5.68
CA ASP B 185 -8.08 -11.18 -6.18
C ASP B 185 -8.26 -11.47 -7.66
N ILE B 186 -9.50 -11.37 -8.13
CA ILE B 186 -9.73 -11.65 -9.55
C ILE B 186 -9.41 -10.40 -10.36
N TRP B 187 -8.90 -9.39 -9.68
CA TRP B 187 -8.52 -8.14 -10.35
C TRP B 187 -7.00 -7.99 -10.38
N SER B 188 -6.34 -8.43 -9.31
CA SER B 188 -4.89 -8.40 -9.25
C SER B 188 -4.44 -9.21 -10.47
N LEU B 189 -5.05 -10.38 -10.60
CA LEU B 189 -4.75 -11.26 -11.71
C LEU B 189 -5.13 -10.63 -13.01
N GLY B 190 -6.18 -9.85 -13.02
CA GLY B 190 -6.56 -9.22 -14.26
C GLY B 190 -5.28 -8.61 -14.75
N CYS B 191 -4.83 -7.61 -14.00
CA CYS B 191 -3.61 -6.90 -14.27
C CYS B 191 -2.48 -7.85 -14.61
N ILE B 192 -2.01 -8.57 -13.60
CA ILE B 192 -0.92 -9.52 -13.78
C ILE B 192 -0.96 -10.24 -15.11
N PHE B 193 -2.16 -10.56 -15.59
CA PHE B 193 -2.32 -11.26 -16.84
C PHE B 193 -1.87 -10.35 -17.98
N ALA B 194 -2.49 -9.18 -18.05
CA ALA B 194 -2.16 -8.23 -19.10
C ALA B 194 -0.73 -7.73 -18.98
N GLU B 195 -0.01 -8.20 -17.96
CA GLU B 195 1.36 -7.76 -17.77
C GLU B 195 2.34 -8.80 -18.31
N MET B 196 1.96 -10.07 -18.24
CA MET B 196 2.80 -11.13 -18.76
C MET B 196 2.72 -10.93 -20.26
N VAL B 197 1.58 -10.43 -20.70
CA VAL B 197 1.37 -10.15 -22.11
C VAL B 197 2.28 -8.98 -22.51
N THR B 198 1.75 -7.76 -22.37
CA THR B 198 2.45 -6.52 -22.71
C THR B 198 3.84 -6.30 -22.04
N ARG B 199 4.19 -7.20 -21.12
CA ARG B 199 5.48 -7.18 -20.43
C ARG B 199 5.67 -6.12 -19.32
N ARG B 200 5.04 -4.97 -19.52
CA ARG B 200 5.09 -3.84 -18.60
C ARG B 200 3.86 -3.82 -17.69
N ALA B 201 4.08 -3.55 -16.41
CA ALA B 201 3.00 -3.47 -15.44
C ALA B 201 1.89 -2.56 -15.94
N LEU B 202 0.68 -3.09 -15.94
CA LEU B 202 -0.53 -2.40 -16.41
C LEU B 202 -0.85 -1.03 -15.80
N PHE B 203 -0.97 -0.92 -14.49
CA PHE B 203 -1.27 0.38 -13.90
C PHE B 203 -0.32 0.70 -12.75
N PRO B 204 0.81 1.36 -13.03
CA PRO B 204 1.80 1.72 -11.98
C PRO B 204 1.36 2.87 -11.03
N GLY B 205 1.32 2.56 -9.73
CA GLY B 205 0.85 3.56 -8.78
C GLY B 205 1.81 4.09 -7.73
N ASP B 206 1.58 5.36 -7.40
CA ASP B 206 2.37 6.17 -6.47
C ASP B 206 1.49 6.86 -5.40
N SER B 207 0.22 6.99 -5.76
CA SER B 207 -0.78 7.63 -4.92
C SER B 207 -2.07 7.05 -5.46
N GLU B 208 -3.02 6.80 -4.56
CA GLU B 208 -4.30 6.24 -4.92
C GLU B 208 -5.00 7.02 -6.04
N ILE B 209 -4.91 8.35 -6.00
CA ILE B 209 -5.57 9.15 -7.01
C ILE B 209 -4.95 8.92 -8.39
N ASP B 210 -3.68 8.50 -8.42
CA ASP B 210 -2.94 8.24 -9.67
C ASP B 210 -3.31 6.85 -10.12
N GLN B 211 -3.32 5.92 -9.18
CA GLN B 211 -3.69 4.54 -9.47
C GLN B 211 -5.01 4.57 -10.22
N LEU B 212 -6.02 5.22 -9.63
CA LEU B 212 -7.33 5.34 -10.29
C LEU B 212 -7.14 5.87 -11.67
N PHE B 213 -7.14 7.19 -11.75
CA PHE B 213 -7.03 7.92 -12.99
C PHE B 213 -6.33 7.15 -14.08
N ARG B 214 -5.27 6.45 -13.72
CA ARG B 214 -4.60 5.63 -14.73
C ARG B 214 -5.71 4.69 -15.25
N ILE B 215 -6.23 3.84 -14.36
CA ILE B 215 -7.32 2.91 -14.63
C ILE B 215 -8.43 3.58 -15.42
N PHE B 216 -8.97 4.67 -14.88
CA PHE B 216 -10.02 5.37 -15.58
C PHE B 216 -9.56 5.79 -16.97
N ARG B 217 -8.34 6.34 -17.03
CA ARG B 217 -7.80 6.80 -18.32
C ARG B 217 -7.63 5.62 -19.30
N THR B 218 -7.48 4.42 -18.75
CA THR B 218 -7.34 3.21 -19.54
C THR B 218 -8.68 2.54 -19.75
N LEU B 219 -9.42 2.31 -18.65
CA LEU B 219 -10.70 1.60 -18.72
C LEU B 219 -11.94 2.44 -18.69
N GLY B 220 -11.81 3.72 -19.00
CA GLY B 220 -12.97 4.60 -19.02
C GLY B 220 -13.40 5.01 -17.64
N THR B 221 -13.72 6.28 -17.49
CA THR B 221 -14.19 6.79 -16.21
C THR B 221 -15.52 6.14 -16.03
N PRO B 222 -15.60 5.16 -15.14
CA PRO B 222 -16.86 4.45 -14.91
C PRO B 222 -18.07 5.35 -14.70
N ASP B 223 -19.23 4.93 -15.22
CA ASP B 223 -20.47 5.67 -15.02
C ASP B 223 -21.47 4.70 -14.44
N GLU B 224 -22.60 5.21 -13.97
CA GLU B 224 -23.59 4.33 -13.38
C GLU B 224 -23.86 3.09 -14.26
N VAL B 225 -23.89 3.28 -15.59
CA VAL B 225 -24.14 2.18 -16.51
C VAL B 225 -23.30 0.95 -16.25
N VAL B 226 -21.99 1.02 -16.54
CA VAL B 226 -21.11 -0.13 -16.32
C VAL B 226 -20.95 -0.55 -14.86
N TRP B 227 -21.14 0.40 -13.94
CA TRP B 227 -21.01 0.13 -12.51
C TRP B 227 -22.18 0.71 -11.70
N PRO B 228 -23.27 -0.05 -11.52
CA PRO B 228 -24.36 0.53 -10.74
C PRO B 228 -23.95 0.80 -9.32
N GLY B 229 -24.10 2.05 -8.91
CA GLY B 229 -23.76 2.45 -7.56
C GLY B 229 -22.37 3.04 -7.28
N VAL B 230 -21.80 3.78 -8.22
CA VAL B 230 -20.49 4.38 -7.99
C VAL B 230 -20.72 5.73 -7.39
N THR B 231 -21.47 6.55 -8.11
CA THR B 231 -21.77 7.90 -7.69
C THR B 231 -22.29 7.95 -6.27
N SER B 232 -22.05 6.90 -5.50
CA SER B 232 -22.52 6.83 -4.11
C SER B 232 -21.40 6.24 -3.25
N MET B 233 -20.38 5.74 -3.96
CA MET B 233 -19.20 5.15 -3.38
C MET B 233 -18.49 6.24 -2.55
N PRO B 234 -18.43 6.07 -1.22
CA PRO B 234 -17.81 6.98 -0.25
C PRO B 234 -16.91 8.04 -0.85
N ASP B 235 -15.79 7.60 -1.42
CA ASP B 235 -14.82 8.52 -2.01
C ASP B 235 -14.91 8.64 -3.51
N TYR B 236 -16.13 8.77 -4.05
CA TYR B 236 -16.29 8.99 -5.48
C TYR B 236 -16.55 10.49 -5.62
N LYS B 237 -16.40 11.08 -6.80
CA LYS B 237 -16.73 12.50 -6.95
C LYS B 237 -17.05 12.76 -8.39
N PRO B 238 -18.12 13.49 -8.66
CA PRO B 238 -18.47 13.77 -10.07
C PRO B 238 -17.34 14.46 -10.81
N SER B 239 -16.50 15.13 -10.02
CA SER B 239 -15.35 15.92 -10.48
C SER B 239 -14.26 15.21 -11.20
N PHE B 240 -13.93 13.99 -10.78
CA PHE B 240 -12.89 13.26 -11.45
C PHE B 240 -13.13 13.42 -12.93
N PRO B 241 -12.07 13.40 -13.72
CA PRO B 241 -12.16 13.53 -15.17
C PRO B 241 -13.07 12.44 -15.70
N LYS B 242 -13.31 12.43 -17.00
CA LYS B 242 -14.19 11.42 -17.57
C LYS B 242 -13.60 10.88 -18.86
N TRP B 243 -12.59 10.02 -18.71
CA TRP B 243 -11.89 9.42 -19.84
C TRP B 243 -12.67 8.30 -20.45
N ALA B 244 -12.94 8.42 -21.75
CA ALA B 244 -13.66 7.39 -22.47
C ALA B 244 -12.74 6.18 -22.65
N ARG B 245 -13.30 5.01 -22.36
CA ARG B 245 -12.58 3.75 -22.47
C ARG B 245 -11.49 3.79 -23.55
N GLN B 246 -10.34 3.22 -23.23
CA GLN B 246 -9.22 3.19 -24.18
C GLN B 246 -9.20 1.82 -24.83
N ASP B 247 -10.27 1.50 -25.56
CA ASP B 247 -10.44 0.22 -26.24
C ASP B 247 -9.21 -0.70 -26.33
N PHE B 248 -9.44 -1.98 -26.02
CA PHE B 248 -8.41 -3.00 -26.00
C PHE B 248 -7.36 -2.90 -27.09
N SER B 249 -7.74 -2.26 -28.19
CA SER B 249 -6.89 -2.06 -29.37
C SER B 249 -5.48 -1.55 -29.04
N LYS B 250 -5.31 -1.02 -27.83
CA LYS B 250 -4.02 -0.50 -27.40
C LYS B 250 -3.61 -1.28 -26.19
N VAL B 251 -4.63 -1.66 -25.40
CA VAL B 251 -4.46 -2.39 -24.17
C VAL B 251 -3.70 -3.71 -24.30
N VAL B 252 -4.20 -4.66 -25.08
CA VAL B 252 -3.46 -5.92 -25.20
C VAL B 252 -3.54 -6.56 -26.57
N PRO B 253 -3.13 -5.82 -27.62
CA PRO B 253 -3.16 -6.34 -28.99
C PRO B 253 -2.48 -7.72 -29.14
N PRO B 254 -1.35 -7.92 -28.44
CA PRO B 254 -0.65 -9.21 -28.52
C PRO B 254 -1.57 -10.39 -28.23
N LEU B 255 -2.80 -10.07 -27.86
CA LEU B 255 -3.80 -11.08 -27.53
C LEU B 255 -4.77 -11.34 -28.67
N ASP B 256 -5.86 -12.03 -28.36
CA ASP B 256 -6.84 -12.34 -29.38
C ASP B 256 -8.28 -12.00 -29.05
N GLU B 257 -9.15 -12.98 -29.20
CA GLU B 257 -10.59 -12.83 -28.96
C GLU B 257 -10.98 -13.30 -27.57
N ASP B 258 -10.57 -14.52 -27.26
CA ASP B 258 -10.83 -15.12 -25.96
C ASP B 258 -10.20 -14.26 -24.89
N GLY B 259 -8.88 -14.14 -24.94
CA GLY B 259 -8.16 -13.34 -23.98
C GLY B 259 -8.75 -11.96 -23.82
N ARG B 260 -9.01 -11.29 -24.95
CA ARG B 260 -9.57 -9.93 -24.96
C ARG B 260 -11.00 -9.76 -24.42
N SER B 261 -11.68 -10.86 -24.09
CA SER B 261 -13.02 -10.79 -23.53
C SER B 261 -12.88 -11.21 -22.07
N LEU B 262 -12.01 -12.19 -21.81
CA LEU B 262 -11.80 -12.62 -20.43
C LEU B 262 -11.27 -11.44 -19.64
N LEU B 263 -10.05 -11.00 -19.96
CA LEU B 263 -9.42 -9.87 -19.28
C LEU B 263 -10.47 -8.78 -19.08
N SER B 264 -11.15 -8.43 -20.16
CA SER B 264 -12.21 -7.43 -20.11
C SER B 264 -13.13 -7.65 -18.89
N GLN B 265 -13.60 -8.88 -18.74
CA GLN B 265 -14.48 -9.26 -17.66
C GLN B 265 -13.69 -9.51 -16.39
N MET B 266 -12.41 -9.81 -16.53
CA MET B 266 -11.57 -10.08 -15.39
C MET B 266 -11.19 -8.80 -14.67
N LEU B 267 -11.40 -7.67 -15.35
CA LEU B 267 -11.10 -6.35 -14.80
C LEU B 267 -12.35 -5.54 -14.97
N HIS B 268 -13.44 -6.02 -14.41
CA HIS B 268 -14.70 -5.29 -14.54
C HIS B 268 -14.92 -4.37 -13.31
N TYR B 269 -15.51 -3.22 -13.53
CA TYR B 269 -15.73 -2.30 -12.41
C TYR B 269 -16.55 -2.93 -11.31
N ASP B 270 -17.82 -3.23 -11.61
CA ASP B 270 -18.75 -3.82 -10.65
C ASP B 270 -18.21 -5.16 -10.16
N PRO B 271 -17.82 -5.22 -8.88
CA PRO B 271 -17.27 -6.39 -8.19
C PRO B 271 -18.28 -7.51 -8.28
N ASN B 272 -19.53 -7.09 -8.14
CA ASN B 272 -20.68 -7.98 -8.21
C ASN B 272 -20.85 -8.52 -9.64
N LYS B 273 -20.18 -7.90 -10.62
CA LYS B 273 -20.24 -8.33 -12.02
C LYS B 273 -18.90 -8.90 -12.44
N ARG B 274 -17.82 -8.57 -11.72
CA ARG B 274 -16.51 -9.09 -12.12
C ARG B 274 -16.60 -10.60 -12.04
N ILE B 275 -15.92 -11.27 -12.97
CA ILE B 275 -15.95 -12.72 -13.05
C ILE B 275 -15.40 -13.42 -11.82
N SER B 276 -15.90 -14.62 -11.59
CA SER B 276 -15.52 -15.48 -10.47
C SER B 276 -14.30 -16.25 -10.85
N ALA B 277 -13.67 -16.90 -9.88
CA ALA B 277 -12.49 -17.68 -10.15
C ALA B 277 -12.88 -18.90 -10.97
N LYS B 278 -13.96 -19.57 -10.57
CA LYS B 278 -14.45 -20.72 -11.29
C LYS B 278 -15.00 -20.28 -12.65
N ALA B 279 -15.87 -19.27 -12.68
CA ALA B 279 -16.44 -18.81 -13.94
C ALA B 279 -15.35 -18.55 -14.97
N ALA B 280 -14.12 -18.42 -14.47
CA ALA B 280 -12.94 -18.17 -15.29
C ALA B 280 -12.41 -19.46 -15.85
N LEU B 281 -12.01 -20.37 -14.97
CA LEU B 281 -11.46 -21.66 -15.36
C LEU B 281 -12.30 -22.33 -16.44
N ALA B 282 -13.40 -21.69 -16.81
CA ALA B 282 -14.27 -22.20 -17.86
C ALA B 282 -13.85 -21.55 -19.19
N HIS B 283 -14.20 -20.28 -19.35
CA HIS B 283 -13.91 -19.46 -20.54
C HIS B 283 -13.26 -20.15 -21.75
N PRO B 284 -13.84 -19.97 -22.95
CA PRO B 284 -13.32 -20.56 -24.17
C PRO B 284 -11.80 -20.38 -24.31
N PHE B 285 -11.30 -19.26 -23.80
CA PHE B 285 -9.89 -18.91 -23.83
C PHE B 285 -8.94 -20.00 -23.30
N PHE B 286 -9.40 -20.76 -22.31
CA PHE B 286 -8.58 -21.83 -21.71
C PHE B 286 -8.78 -23.21 -22.34
N GLN B 287 -9.62 -23.25 -23.37
CA GLN B 287 -9.92 -24.49 -24.09
C GLN B 287 -8.73 -25.47 -24.11
N ASP B 288 -7.84 -25.25 -25.07
CA ASP B 288 -6.64 -26.06 -25.27
C ASP B 288 -5.50 -25.57 -24.40
N VAL B 289 -5.69 -25.71 -23.10
CA VAL B 289 -4.70 -25.28 -22.13
C VAL B 289 -3.74 -26.40 -21.72
N THR B 290 -2.51 -26.31 -22.22
CA THR B 290 -1.48 -27.29 -21.91
C THR B 290 -0.64 -26.75 -20.78
N LYS B 291 0.50 -27.39 -20.52
CA LYS B 291 1.39 -26.99 -19.45
C LYS B 291 2.81 -26.65 -19.93
N PRO B 292 2.94 -25.74 -20.92
CA PRO B 292 4.29 -25.41 -21.40
C PRO B 292 5.34 -25.35 -20.29
N VAL B 293 6.51 -25.92 -20.57
CA VAL B 293 7.59 -25.89 -19.62
C VAL B 293 8.43 -24.72 -20.06
N PRO B 294 8.78 -23.84 -19.12
CA PRO B 294 9.57 -22.64 -19.35
C PRO B 294 11.08 -22.81 -19.47
N HIS B 295 11.73 -21.76 -19.98
CA HIS B 295 13.16 -21.73 -20.13
C HIS B 295 13.69 -20.58 -19.27
N LEU B 296 14.71 -20.86 -18.45
CA LEU B 296 15.30 -19.84 -17.58
C LEU B 296 16.85 -19.79 -17.69
#